data_6I22
#
_entry.id   6I22
#
_cell.length_a   150.180
_cell.length_b   91.510
_cell.length_c   99.840
_cell.angle_alpha   90.00
_cell.angle_beta   131.34
_cell.angle_gamma   90.00
#
_symmetry.space_group_name_H-M   'C 1 2 1'
#
loop_
_entity.id
_entity.type
_entity.pdbx_description
1 polymer 'Aureochrome1-like protein'
2 non-polymer 'FLAVIN MONONUCLEOTIDE'
3 water water
#
_entity_poly.entity_id   1
_entity_poly.type   'polypeptide(L)'
_entity_poly.pdbx_seq_one_letter_code
;GAMDYSLVKALQTAQQNFVISDPSIPDNPIVYASQGFLTLTGYALSEVLGRNCRFLQGPETDPKAVEKVRKGLERGEDTT
VVLLNYRKDGSTFWNQLFIAALRDGEGNVVNYLGVQCKVSEDYAKAFLKNEENE
;
_entity_poly.pdbx_strand_id   A,B,C,D
#
loop_
_chem_comp.id
_chem_comp.type
_chem_comp.name
_chem_comp.formula
FMN non-polymer 'FLAVIN MONONUCLEOTIDE' 'C17 H21 N4 O9 P'
#
# COMPACT_ATOMS: atom_id res chain seq x y z
N ALA A 2 -0.49 -2.86 -12.00
CA ALA A 2 -0.04 -1.74 -11.12
C ALA A 2 -1.28 -1.05 -10.55
N MET A 3 -1.29 -0.62 -9.29
CA MET A 3 -2.38 0.30 -8.85
C MET A 3 -2.55 1.31 -10.00
N ASP A 4 -3.70 1.31 -10.69
CA ASP A 4 -3.80 1.86 -12.07
C ASP A 4 -4.20 3.35 -12.01
N TYR A 5 -3.16 4.10 -11.72
CA TYR A 5 -2.93 5.52 -11.97
C TYR A 5 -2.74 5.73 -13.48
N SER A 6 -3.24 6.84 -13.98
CA SER A 6 -3.16 7.18 -15.42
C SER A 6 -1.69 7.29 -15.84
N LEU A 7 -0.81 7.82 -14.99
CA LEU A 7 0.62 7.94 -15.37
C LEU A 7 1.27 6.57 -15.46
N VAL A 8 0.88 5.63 -14.62
CA VAL A 8 1.38 4.24 -14.69
C VAL A 8 0.89 3.59 -15.98
N LYS A 9 -0.37 3.76 -16.34
CA LYS A 9 -0.93 3.25 -17.62
C LYS A 9 -0.19 3.88 -18.79
N ALA A 10 0.15 5.18 -18.68
CA ALA A 10 0.90 5.88 -19.76
C ALA A 10 2.28 5.21 -19.92
N LEU A 11 2.99 4.95 -18.83
CA LEU A 11 4.32 4.30 -18.86
C LEU A 11 4.22 2.85 -19.42
N GLN A 12 3.16 2.11 -19.09
CA GLN A 12 2.88 0.73 -19.62
C GLN A 12 2.73 0.79 -21.15
N THR A 13 1.96 1.75 -21.72
CA THR A 13 1.80 1.82 -23.18
C THR A 13 3.16 2.03 -23.85
N ALA A 14 4.12 2.73 -23.24
CA ALA A 14 5.46 2.94 -23.86
C ALA A 14 6.43 1.80 -23.51
N GLN A 15 5.97 0.80 -22.75
CA GLN A 15 6.79 -0.36 -22.29
C GLN A 15 8.01 0.18 -21.55
N GLN A 16 7.80 1.13 -20.66
CA GLN A 16 8.91 1.66 -19.85
C GLN A 16 9.23 0.69 -18.69
N ASN A 17 10.42 0.86 -18.16
CA ASN A 17 10.92 0.09 -17.01
C ASN A 17 10.51 0.87 -15.76
N PHE A 18 9.64 0.34 -14.90
CA PHE A 18 9.29 1.08 -13.68
C PHE A 18 8.89 0.12 -12.57
N VAL A 19 8.93 0.65 -11.36
CA VAL A 19 8.43 -0.04 -10.14
C VAL A 19 7.59 0.95 -9.35
N ILE A 20 6.68 0.37 -8.60
CA ILE A 20 5.85 1.08 -7.61
CA ILE A 20 5.85 1.08 -7.61
C ILE A 20 6.20 0.53 -6.23
N SER A 21 6.45 1.43 -5.27
CA SER A 21 6.75 1.06 -3.88
C SER A 21 5.59 1.48 -2.99
N ASP A 22 5.45 0.78 -1.88
CA ASP A 22 4.40 1.08 -0.87
C ASP A 22 5.08 1.48 0.43
N PRO A 23 5.11 2.79 0.74
CA PRO A 23 5.81 3.25 1.94
C PRO A 23 5.08 2.93 3.24
N SER A 24 3.84 2.46 3.20
CA SER A 24 3.12 2.03 4.42
C SER A 24 3.72 0.69 4.93
N ILE A 25 4.35 -0.10 4.07
CA ILE A 25 4.99 -1.39 4.45
C ILE A 25 6.42 -1.09 4.91
N PRO A 26 6.92 -1.73 5.99
CA PRO A 26 8.29 -1.48 6.46
C PRO A 26 9.33 -1.58 5.36
N ASP A 27 10.19 -0.55 5.28
CA ASP A 27 11.32 -0.44 4.32
C ASP A 27 10.87 -0.11 2.89
N ASN A 28 9.63 0.34 2.68
CA ASN A 28 9.17 0.91 1.38
C ASN A 28 9.47 -0.02 0.23
N PRO A 29 8.97 -1.26 0.28
CA PRO A 29 9.27 -2.23 -0.75
C PRO A 29 8.50 -2.05 -2.06
N ILE A 30 8.99 -2.69 -3.10
CA ILE A 30 8.33 -2.85 -4.41
C ILE A 30 7.08 -3.70 -4.26
N VAL A 31 5.95 -3.20 -4.77
CA VAL A 31 4.67 -3.96 -4.82
C VAL A 31 4.25 -4.17 -6.27
N TYR A 32 4.96 -3.58 -7.22
CA TYR A 32 4.70 -3.80 -8.68
C TYR A 32 5.97 -3.49 -9.46
N ALA A 33 6.31 -4.32 -10.45
CA ALA A 33 7.48 -4.08 -11.33
C ALA A 33 7.04 -4.43 -12.73
N SER A 34 7.31 -3.53 -13.68
CA SER A 34 6.93 -3.72 -15.09
C SER A 34 7.81 -4.81 -15.71
N GLN A 35 7.31 -5.41 -16.77
CA GLN A 35 8.06 -6.44 -17.54
C GLN A 35 9.41 -5.84 -17.97
N GLY A 36 9.41 -4.57 -18.39
CA GLY A 36 10.67 -3.89 -18.78
C GLY A 36 11.70 -3.93 -17.66
N PHE A 37 11.31 -3.64 -16.42
CA PHE A 37 12.24 -3.65 -15.26
C PHE A 37 12.77 -5.08 -15.05
N LEU A 38 11.89 -6.09 -15.14
CA LEU A 38 12.28 -7.51 -14.93
C LEU A 38 13.30 -7.90 -16.00
N THR A 39 13.07 -7.52 -17.26
CA THR A 39 13.98 -7.84 -18.40
C THR A 39 15.31 -7.10 -18.23
N LEU A 40 15.29 -5.82 -17.87
CA LEU A 40 16.51 -5.01 -17.64
C LEU A 40 17.36 -5.65 -16.53
N THR A 41 16.78 -6.02 -15.39
CA THR A 41 17.53 -6.43 -14.19
C THR A 41 17.80 -7.93 -14.18
N GLY A 42 17.09 -8.74 -14.95
CA GLY A 42 17.21 -10.22 -14.94
C GLY A 42 16.47 -10.88 -13.78
N TYR A 43 15.75 -10.16 -12.93
CA TYR A 43 15.02 -10.77 -11.79
C TYR A 43 13.60 -11.18 -12.23
N ALA A 44 13.10 -12.28 -11.64
CA ALA A 44 11.69 -12.68 -11.75
C ALA A 44 10.89 -11.81 -10.79
N LEU A 45 9.63 -11.56 -11.11
CA LEU A 45 8.78 -10.70 -10.25
C LEU A 45 8.78 -11.24 -8.81
N SER A 46 8.71 -12.55 -8.63
CA SER A 46 8.65 -13.21 -7.30
C SER A 46 9.92 -12.90 -6.47
N GLU A 47 11.04 -12.55 -7.11
CA GLU A 47 12.31 -12.23 -6.42
C GLU A 47 12.39 -10.76 -6.02
N VAL A 48 11.47 -9.92 -6.50
CA VAL A 48 11.52 -8.45 -6.30
C VAL A 48 10.43 -7.98 -5.34
N LEU A 49 9.24 -8.58 -5.42
CA LEU A 49 8.07 -8.14 -4.63
C LEU A 49 8.44 -8.18 -3.14
N GLY A 50 8.07 -7.14 -2.40
CA GLY A 50 8.29 -7.04 -0.96
C GLY A 50 9.72 -6.66 -0.59
N ARG A 51 10.61 -6.40 -1.57
CA ARG A 51 11.99 -5.94 -1.31
C ARG A 51 12.17 -4.48 -1.71
N ASN A 52 13.00 -3.77 -0.95
CA ASN A 52 13.45 -2.40 -1.31
C ASN A 52 14.37 -2.54 -2.53
N CYS A 53 14.26 -1.60 -3.45
N CYS A 53 14.26 -1.59 -3.46
CA CYS A 53 14.99 -1.59 -4.74
CA CYS A 53 15.00 -1.56 -4.75
C CYS A 53 16.51 -1.44 -4.57
C CYS A 53 16.51 -1.44 -4.57
N ARG A 54 17.00 -1.16 -3.36
CA ARG A 54 18.47 -1.04 -3.15
C ARG A 54 19.21 -2.35 -3.45
N PHE A 55 18.52 -3.49 -3.62
CA PHE A 55 19.20 -4.79 -3.97
C PHE A 55 19.91 -4.67 -5.33
N LEU A 56 19.62 -3.65 -6.15
CA LEU A 56 20.32 -3.43 -7.45
C LEU A 56 21.71 -2.80 -7.26
N GLN A 57 22.06 -2.35 -6.05
CA GLN A 57 23.32 -1.64 -5.80
C GLN A 57 24.45 -2.64 -5.48
N GLY A 58 25.67 -2.28 -5.75
CA GLY A 58 26.84 -3.13 -5.47
C GLY A 58 28.10 -2.29 -5.30
N PRO A 59 29.28 -2.93 -5.19
CA PRO A 59 30.52 -2.25 -4.80
C PRO A 59 30.91 -1.05 -5.67
N GLU A 60 30.59 -1.09 -6.98
CA GLU A 60 30.96 0.03 -7.88
C GLU A 60 29.89 1.12 -7.91
N THR A 61 28.77 0.92 -7.25
CA THR A 61 27.71 1.95 -7.07
C THR A 61 28.31 3.07 -6.21
N ASP A 62 28.16 4.32 -6.63
CA ASP A 62 28.62 5.47 -5.82
C ASP A 62 27.65 5.66 -4.64
N PRO A 63 28.11 5.50 -3.37
CA PRO A 63 27.20 5.71 -2.24
C PRO A 63 26.66 7.15 -2.10
N LYS A 64 27.32 8.13 -2.71
CA LYS A 64 26.84 9.53 -2.71
C LYS A 64 25.61 9.70 -3.61
N ALA A 65 25.50 8.95 -4.70
CA ALA A 65 24.30 8.95 -5.55
C ALA A 65 23.15 8.28 -4.78
N VAL A 66 23.44 7.20 -4.05
CA VAL A 66 22.42 6.51 -3.20
C VAL A 66 21.92 7.51 -2.14
N GLU A 67 22.81 8.24 -1.51
CA GLU A 67 22.47 9.23 -0.47
C GLU A 67 21.58 10.35 -1.05
N LYS A 68 21.83 10.79 -2.28
CA LYS A 68 21.00 11.82 -2.96
C LYS A 68 19.57 11.30 -3.07
N VAL A 69 19.41 10.02 -3.40
CA VAL A 69 18.05 9.42 -3.50
C VAL A 69 17.43 9.46 -2.11
N ARG A 70 18.14 8.95 -1.09
CA ARG A 70 17.58 8.85 0.28
C ARG A 70 17.12 10.24 0.74
N LYS A 71 17.93 11.26 0.55
CA LYS A 71 17.62 12.63 1.08
C LYS A 71 16.46 13.24 0.29
N GLY A 72 16.44 13.00 -1.02
CA GLY A 72 15.35 13.44 -1.91
C GLY A 72 14.01 12.96 -1.40
N LEU A 73 13.90 11.67 -1.10
CA LEU A 73 12.62 11.06 -0.64
C LEU A 73 12.27 11.65 0.73
N GLU A 74 13.24 11.72 1.65
CA GLU A 74 13.05 12.27 3.02
C GLU A 74 12.49 13.69 2.91
N ARG A 75 12.98 14.49 1.97
CA ARG A 75 12.60 15.93 1.82
C ARG A 75 11.31 16.08 1.01
N GLY A 76 10.69 14.99 0.55
CA GLY A 76 9.49 15.03 -0.31
C GLY A 76 9.73 15.67 -1.69
N GLU A 77 10.88 15.44 -2.32
CA GLU A 77 11.24 16.01 -3.64
C GLU A 77 11.22 14.91 -4.71
N ASP A 78 10.75 15.24 -5.91
CA ASP A 78 11.04 14.47 -7.14
C ASP A 78 12.56 14.35 -7.23
N THR A 79 13.09 13.18 -7.57
CA THR A 79 14.54 12.92 -7.60
C THR A 79 14.93 12.29 -8.96
N THR A 80 16.01 12.75 -9.56
CA THR A 80 16.67 12.15 -10.75
C THR A 80 18.14 11.93 -10.37
N VAL A 81 18.64 10.71 -10.52
CA VAL A 81 20.09 10.43 -10.33
C VAL A 81 20.53 9.50 -11.45
N VAL A 82 21.83 9.46 -11.71
CA VAL A 82 22.41 8.39 -12.53
C VAL A 82 23.34 7.58 -11.62
N LEU A 83 23.16 6.28 -11.59
CA LEU A 83 24.03 5.41 -10.76
C LEU A 83 24.17 4.04 -11.37
N LEU A 84 25.26 3.38 -10.99
CA LEU A 84 25.58 2.03 -11.50
C LEU A 84 24.72 1.02 -10.75
N ASN A 85 24.06 0.14 -11.49
CA ASN A 85 23.26 -0.94 -10.88
C ASN A 85 23.74 -2.29 -11.43
N TYR A 86 23.37 -3.35 -10.72
CA TYR A 86 23.78 -4.74 -11.00
C TYR A 86 22.54 -5.56 -11.36
N ARG A 87 22.65 -6.31 -12.44
CA ARG A 87 21.68 -7.34 -12.83
C ARG A 87 21.85 -8.58 -11.95
N LYS A 88 20.89 -9.48 -11.97
CA LYS A 88 20.96 -10.75 -11.23
C LYS A 88 22.24 -11.49 -11.62
N ASP A 89 22.67 -11.45 -12.89
CA ASP A 89 23.87 -12.21 -13.36
C ASP A 89 25.17 -11.47 -13.00
N GLY A 90 25.12 -10.34 -12.29
CA GLY A 90 26.31 -9.61 -11.83
C GLY A 90 26.85 -8.63 -12.86
N SER A 91 26.32 -8.58 -14.09
CA SER A 91 26.68 -7.53 -15.08
C SER A 91 26.13 -6.18 -14.59
N THR A 92 26.79 -5.10 -14.98
CA THR A 92 26.42 -3.74 -14.50
C THR A 92 25.85 -2.92 -15.64
N PHE A 93 25.07 -1.91 -15.29
CA PHE A 93 24.54 -0.94 -16.27
C PHE A 93 24.36 0.40 -15.54
N TRP A 94 24.39 1.49 -16.32
CA TRP A 94 24.08 2.84 -15.79
C TRP A 94 22.58 3.07 -15.88
N ASN A 95 22.00 3.45 -14.75
CA ASN A 95 20.54 3.60 -14.55
C ASN A 95 20.30 5.09 -14.32
N GLN A 96 19.59 5.74 -15.23
CA GLN A 96 19.06 7.08 -14.95
C GLN A 96 17.69 6.84 -14.30
N LEU A 97 17.59 7.14 -13.03
CA LEU A 97 16.47 6.79 -12.16
C LEU A 97 15.67 8.05 -11.87
N PHE A 98 14.38 8.04 -12.18
CA PHE A 98 13.45 9.16 -11.96
C PHE A 98 12.43 8.67 -10.93
N ILE A 99 12.33 9.34 -9.81
CA ILE A 99 11.41 8.92 -8.73
C ILE A 99 10.47 10.09 -8.45
N ALA A 100 9.18 9.78 -8.36
CA ALA A 100 8.14 10.72 -7.95
C ALA A 100 7.24 10.10 -6.88
N ALA A 101 6.76 10.94 -5.99
CA ALA A 101 5.70 10.58 -5.04
C ALA A 101 4.36 10.67 -5.79
N LEU A 102 3.54 9.65 -5.66
CA LEU A 102 2.12 9.71 -6.06
C LEU A 102 1.30 10.11 -4.82
N ARG A 103 0.60 11.22 -4.89
CA ARG A 103 -0.02 11.83 -3.69
C ARG A 103 -1.54 11.84 -3.81
N ASP A 104 -2.24 11.81 -2.69
CA ASP A 104 -3.71 11.98 -2.64
C ASP A 104 -4.05 13.48 -2.61
N GLY A 105 -5.33 13.81 -2.46
CA GLY A 105 -5.85 15.18 -2.43
C GLY A 105 -5.41 15.98 -1.22
N GLU A 106 -4.91 15.33 -0.15
CA GLU A 106 -4.38 16.00 1.07
C GLU A 106 -2.85 16.10 0.99
N GLY A 107 -2.25 15.59 -0.10
CA GLY A 107 -0.80 15.69 -0.31
C GLY A 107 -0.02 14.56 0.35
N ASN A 108 -0.70 13.56 0.94
CA ASN A 108 -0.04 12.36 1.53
C ASN A 108 0.51 11.49 0.41
N VAL A 109 1.71 10.97 0.61
CA VAL A 109 2.33 10.04 -0.35
C VAL A 109 1.59 8.71 -0.20
N VAL A 110 1.06 8.15 -1.28
CA VAL A 110 0.36 6.83 -1.24
C VAL A 110 1.30 5.79 -1.86
N ASN A 111 2.13 6.17 -2.82
CA ASN A 111 3.09 5.25 -3.44
C ASN A 111 4.24 6.10 -3.95
N TYR A 112 5.37 5.47 -4.20
CA TYR A 112 6.45 6.06 -5.04
C TYR A 112 6.50 5.31 -6.35
N LEU A 113 6.77 6.08 -7.39
CA LEU A 113 6.91 5.55 -8.75
C LEU A 113 8.35 5.82 -9.14
N GLY A 114 9.02 4.81 -9.64
CA GLY A 114 10.41 4.93 -10.08
C GLY A 114 10.53 4.41 -11.48
N VAL A 115 11.09 5.21 -12.36
CA VAL A 115 11.34 4.83 -13.77
C VAL A 115 12.83 4.70 -13.96
N GLN A 116 13.27 3.57 -14.54
CA GLN A 116 14.69 3.27 -14.80
C GLN A 116 14.93 3.38 -16.30
N CYS A 117 15.90 4.17 -16.69
CA CYS A 117 16.30 4.27 -18.11
CA CYS A 117 16.30 4.27 -18.11
C CYS A 117 17.78 3.88 -18.22
N LYS A 118 18.06 2.85 -18.99
CA LYS A 118 19.47 2.40 -19.18
C LYS A 118 20.15 3.46 -20.05
N VAL A 119 21.32 3.95 -19.67
CA VAL A 119 22.04 4.98 -20.46
C VAL A 119 23.48 4.51 -20.66
N SER A 120 24.15 5.04 -21.68
CA SER A 120 25.54 4.66 -22.02
C SER A 120 26.51 5.25 -20.99
N GLU A 121 27.73 4.68 -20.91
CA GLU A 121 28.75 5.17 -19.96
C GLU A 121 29.10 6.61 -20.33
N ASP A 122 29.11 6.93 -21.63
CA ASP A 122 29.42 8.30 -22.11
C ASP A 122 28.35 9.26 -21.54
N TYR A 123 27.08 8.88 -21.66
CA TYR A 123 25.95 9.73 -21.22
C TYR A 123 26.06 9.91 -19.70
N ALA A 124 26.34 8.83 -18.99
CA ALA A 124 26.41 8.85 -17.50
C ALA A 124 27.54 9.80 -17.07
N LYS A 125 28.71 9.71 -17.68
CA LYS A 125 29.86 10.59 -17.32
C LYS A 125 29.50 12.06 -17.54
N ALA A 126 28.82 12.39 -18.64
CA ALA A 126 28.45 13.78 -18.98
C ALA A 126 27.39 14.27 -17.99
N PHE A 127 26.42 13.42 -17.65
CA PHE A 127 25.36 13.77 -16.67
C PHE A 127 26.02 14.07 -15.32
N LEU A 128 26.95 13.21 -14.87
CA LEU A 128 27.54 13.29 -13.50
C LEU A 128 28.48 14.52 -13.42
N LYS A 129 29.24 14.78 -14.47
CA LYS A 129 30.12 15.97 -14.57
C LYS A 129 29.29 17.25 -14.44
N ASN A 130 28.16 17.31 -15.13
CA ASN A 130 27.23 18.47 -15.12
C ASN A 130 26.58 18.64 -13.74
N GLU A 131 26.19 17.53 -13.09
CA GLU A 131 25.57 17.52 -11.74
C GLU A 131 26.55 18.19 -10.75
N GLU A 132 27.86 17.97 -10.91
CA GLU A 132 28.92 18.41 -9.97
C GLU A 132 29.20 19.91 -10.09
N ASN A 133 28.64 20.62 -11.07
CA ASN A 133 28.83 22.08 -11.29
C ASN A 133 27.85 22.95 -10.47
N GLU A 134 27.12 22.36 -9.51
CA GLU A 134 26.28 23.10 -8.51
C GLU A 134 27.13 23.33 -7.25
N ALA B 2 8.80 20.71 -19.57
CA ALA B 2 8.03 21.51 -18.58
C ALA B 2 8.85 21.65 -17.30
N MET B 3 8.66 22.73 -16.54
CA MET B 3 9.25 22.82 -15.19
C MET B 3 9.45 21.38 -14.72
N ASP B 4 10.71 20.98 -14.44
CA ASP B 4 11.20 19.60 -14.58
C ASP B 4 10.96 18.79 -13.29
N TYR B 5 9.76 18.25 -13.32
CA TYR B 5 9.27 17.07 -12.58
C TYR B 5 9.96 15.81 -13.15
N SER B 6 10.29 14.89 -12.27
CA SER B 6 11.00 13.64 -12.63
C SER B 6 10.12 12.84 -13.60
N LEU B 7 8.82 12.81 -13.42
CA LEU B 7 7.93 12.05 -14.34
C LEU B 7 7.92 12.68 -15.72
N VAL B 8 7.98 13.99 -15.82
CA VAL B 8 8.08 14.68 -17.13
C VAL B 8 9.41 14.33 -17.79
N LYS B 9 10.51 14.35 -17.06
CA LYS B 9 11.85 13.98 -17.59
C LYS B 9 11.80 12.50 -18.02
N ALA B 10 11.10 11.64 -17.28
CA ALA B 10 10.96 10.21 -17.63
C ALA B 10 10.22 10.10 -18.98
N LEU B 11 9.12 10.81 -19.16
CA LEU B 11 8.35 10.83 -20.42
C LEU B 11 9.18 11.38 -21.60
N GLN B 12 10.01 12.41 -21.38
CA GLN B 12 10.96 12.99 -22.38
C GLN B 12 11.96 11.92 -22.84
N THR B 13 12.57 11.12 -21.93
CA THR B 13 13.53 10.09 -22.35
C THR B 13 12.84 9.09 -23.27
N ALA B 14 11.55 8.79 -23.10
CA ALA B 14 10.86 7.81 -23.99
C ALA B 14 10.27 8.52 -25.24
N GLN B 15 10.48 9.82 -25.38
CA GLN B 15 9.94 10.64 -26.50
C GLN B 15 8.44 10.45 -26.57
N GLN B 16 7.77 10.54 -25.43
CA GLN B 16 6.31 10.44 -25.40
C GLN B 16 5.67 11.78 -25.82
N ASN B 17 4.42 11.69 -26.19
CA ASN B 17 3.57 12.83 -26.56
C ASN B 17 2.92 13.34 -25.29
N PHE B 18 3.19 14.55 -24.83
CA PHE B 18 2.52 15.03 -23.61
C PHE B 18 2.44 16.56 -23.63
N VAL B 19 1.53 17.07 -22.82
CA VAL B 19 1.39 18.51 -22.54
C VAL B 19 1.25 18.70 -21.05
N ILE B 20 1.67 19.89 -20.62
CA ILE B 20 1.48 20.39 -19.25
C ILE B 20 0.55 21.61 -19.33
N SER B 21 -0.48 21.61 -18.48
CA SER B 21 -1.41 22.75 -18.35
C SER B 21 -1.19 23.46 -17.04
N ASP B 22 -1.54 24.76 -17.02
CA ASP B 22 -1.44 25.58 -15.79
C ASP B 22 -2.84 26.04 -15.41
N PRO B 23 -3.45 25.40 -14.37
CA PRO B 23 -4.81 25.74 -14.02
C PRO B 23 -4.95 27.09 -13.31
N SER B 24 -3.85 27.73 -12.90
CA SER B 24 -3.92 29.08 -12.30
C SER B 24 -4.27 30.12 -13.40
N ILE B 25 -4.00 29.83 -14.68
CA ILE B 25 -4.32 30.74 -15.81
C ILE B 25 -5.75 30.43 -16.27
N PRO B 26 -6.59 31.44 -16.59
CA PRO B 26 -7.96 31.19 -17.03
C PRO B 26 -8.04 30.18 -18.17
N ASP B 27 -8.94 29.20 -17.99
CA ASP B 27 -9.25 28.09 -18.95
C ASP B 27 -8.15 27.02 -19.00
N ASN B 28 -7.24 26.98 -18.03
CA ASN B 28 -6.29 25.83 -17.86
C ASN B 28 -5.57 25.53 -19.16
N PRO B 29 -4.84 26.51 -19.71
CA PRO B 29 -4.15 26.31 -20.96
C PRO B 29 -2.86 25.49 -20.88
N ILE B 30 -2.43 25.02 -22.02
CA ILE B 30 -1.10 24.41 -22.26
C ILE B 30 0.01 25.45 -22.04
N VAL B 31 1.02 25.10 -21.23
CA VAL B 31 2.22 25.93 -21.02
C VAL B 31 3.47 25.16 -21.48
N TYR B 32 3.31 23.92 -21.90
CA TYR B 32 4.43 23.10 -22.43
C TYR B 32 3.87 21.97 -23.26
N ALA B 33 4.45 21.69 -24.43
CA ALA B 33 4.03 20.56 -25.29
C ALA B 33 5.30 19.91 -25.81
N SER B 34 5.39 18.59 -25.69
CA SER B 34 6.57 17.83 -26.17
C SER B 34 6.62 17.85 -27.70
N GLN B 35 7.80 17.61 -28.24
CA GLN B 35 7.99 17.50 -29.70
C GLN B 35 7.06 16.41 -30.25
N GLY B 36 6.92 15.30 -29.51
CA GLY B 36 6.00 14.21 -29.92
C GLY B 36 4.58 14.71 -30.12
N PHE B 37 4.05 15.52 -29.20
CA PHE B 37 2.69 16.07 -29.32
C PHE B 37 2.60 16.98 -30.56
N LEU B 38 3.61 17.82 -30.79
CA LEU B 38 3.61 18.76 -31.94
C LEU B 38 3.62 17.94 -33.24
N THR B 39 4.40 16.87 -33.31
CA THR B 39 4.49 15.99 -34.51
C THR B 39 3.17 15.25 -34.71
N LEU B 40 2.58 14.70 -33.67
CA LEU B 40 1.30 13.96 -33.72
C LEU B 40 0.20 14.88 -34.28
N THR B 41 0.09 16.11 -33.75
CA THR B 41 -1.07 16.99 -34.00
C THR B 41 -0.85 17.87 -35.23
N GLY B 42 0.40 18.06 -35.68
CA GLY B 42 0.75 18.99 -36.77
C GLY B 42 0.82 20.45 -36.35
N TYR B 43 0.62 20.81 -35.07
CA TYR B 43 0.70 22.22 -34.64
C TYR B 43 2.14 22.61 -34.27
N ALA B 44 2.50 23.86 -34.53
CA ALA B 44 3.74 24.48 -34.00
C ALA B 44 3.49 24.83 -32.53
N LEU B 45 4.56 24.85 -31.74
CA LEU B 45 4.42 25.15 -30.29
C LEU B 45 3.73 26.50 -30.12
N SER B 46 4.07 27.48 -30.94
CA SER B 46 3.51 28.86 -30.87
C SER B 46 1.98 28.87 -31.08
N GLU B 47 1.43 27.84 -31.71
CA GLU B 47 -0.03 27.75 -32.01
C GLU B 47 -0.77 27.08 -30.86
N VAL B 48 -0.07 26.44 -29.91
CA VAL B 48 -0.75 25.70 -28.81
C VAL B 48 -0.59 26.41 -27.47
N LEU B 49 0.54 27.05 -27.21
CA LEU B 49 0.79 27.74 -25.92
C LEU B 49 -0.34 28.70 -25.59
N GLY B 50 -0.82 28.63 -24.35
CA GLY B 50 -1.88 29.53 -23.87
C GLY B 50 -3.28 29.11 -24.29
N ARG B 51 -3.44 27.99 -25.01
CA ARG B 51 -4.76 27.46 -25.42
C ARG B 51 -5.09 26.18 -24.64
N ASN B 52 -6.37 26.01 -24.35
CA ASN B 52 -6.87 24.73 -23.80
C ASN B 52 -6.78 23.68 -24.91
N CYS B 53 -6.44 22.46 -24.53
CA CYS B 53 -6.24 21.32 -25.47
CA CYS B 53 -6.27 21.29 -25.44
C CYS B 53 -7.54 20.90 -26.19
N ARG B 54 -8.70 21.42 -25.82
CA ARG B 54 -9.95 21.05 -26.51
C ARG B 54 -9.93 21.47 -28.00
N PHE B 55 -8.97 22.28 -28.47
CA PHE B 55 -8.88 22.65 -29.92
C PHE B 55 -8.64 21.40 -30.78
N LEU B 56 -8.24 20.26 -30.21
CA LEU B 56 -8.06 18.99 -30.97
C LEU B 56 -9.39 18.29 -31.28
N GLN B 57 -10.51 18.75 -30.70
CA GLN B 57 -11.81 18.08 -30.83
C GLN B 57 -12.55 18.60 -32.09
N GLY B 58 -13.40 17.81 -32.67
CA GLY B 58 -14.21 18.20 -33.84
C GLY B 58 -15.50 17.40 -33.92
N PRO B 59 -16.25 17.53 -35.03
CA PRO B 59 -17.60 17.01 -35.14
C PRO B 59 -17.74 15.50 -34.89
N GLU B 60 -16.73 14.71 -35.22
CA GLU B 60 -16.81 13.23 -35.00
C GLU B 60 -16.32 12.83 -33.59
N THR B 61 -15.78 13.76 -32.82
CA THR B 61 -15.41 13.54 -31.39
C THR B 61 -16.69 13.24 -30.62
N ASP B 62 -16.71 12.20 -29.81
CA ASP B 62 -17.88 11.89 -28.94
C ASP B 62 -17.92 12.91 -27.81
N PRO B 63 -18.96 13.77 -27.69
CA PRO B 63 -19.02 14.71 -26.57
C PRO B 63 -19.12 14.05 -25.18
N LYS B 64 -19.53 12.80 -25.10
CA LYS B 64 -19.61 12.03 -23.82
C LYS B 64 -18.21 11.67 -23.33
N ALA B 65 -17.25 11.41 -24.21
CA ALA B 65 -15.85 11.19 -23.83
C ALA B 65 -15.26 12.51 -23.31
N VAL B 66 -15.57 13.63 -23.98
CA VAL B 66 -15.11 14.96 -23.53
C VAL B 66 -15.68 15.23 -22.12
N GLU B 67 -16.94 14.93 -21.89
CA GLU B 67 -17.61 15.13 -20.59
C GLU B 67 -16.94 14.29 -19.49
N LYS B 68 -16.53 13.05 -19.80
CA LYS B 68 -15.82 12.17 -18.84
C LYS B 68 -14.52 12.86 -18.41
N VAL B 69 -13.82 13.49 -19.35
CA VAL B 69 -12.57 14.20 -18.99
C VAL B 69 -12.92 15.38 -18.08
N ARG B 70 -13.91 16.20 -18.45
CA ARG B 70 -14.29 17.40 -17.67
C ARG B 70 -14.62 16.98 -16.24
N LYS B 71 -15.43 15.94 -16.07
CA LYS B 71 -15.91 15.54 -14.71
C LYS B 71 -14.76 14.95 -13.90
N GLY B 72 -13.90 14.17 -14.57
CA GLY B 72 -12.70 13.59 -13.94
C GLY B 72 -11.84 14.68 -13.30
N LEU B 73 -11.54 15.75 -14.04
CA LEU B 73 -10.69 16.86 -13.54
C LEU B 73 -11.41 17.54 -12.38
N GLU B 74 -12.70 17.86 -12.55
CA GLU B 74 -13.55 18.53 -11.52
C GLU B 74 -13.49 17.71 -10.21
N ARG B 75 -13.53 16.38 -10.31
CA ARG B 75 -13.59 15.48 -9.13
C ARG B 75 -12.19 15.19 -8.58
N GLY B 76 -11.13 15.76 -9.16
CA GLY B 76 -9.73 15.50 -8.75
C GLY B 76 -9.28 14.05 -8.97
N GLU B 77 -9.70 13.41 -10.06
CA GLU B 77 -9.36 12.00 -10.36
C GLU B 77 -8.39 11.93 -11.55
N ASP B 78 -7.43 11.01 -11.51
CA ASP B 78 -6.70 10.55 -12.73
C ASP B 78 -7.77 10.13 -13.73
N THR B 79 -7.63 10.49 -15.00
CA THR B 79 -8.61 10.11 -16.05
CA THR B 79 -8.61 10.03 -16.01
C THR B 79 -7.88 9.46 -17.24
N THR B 80 -8.45 8.40 -17.79
CA THR B 80 -8.06 7.76 -19.07
C THR B 80 -9.31 7.72 -19.95
N VAL B 81 -9.24 8.25 -21.17
CA VAL B 81 -10.35 8.13 -22.15
C VAL B 81 -9.74 7.82 -23.51
N VAL B 82 -10.54 7.26 -24.40
CA VAL B 82 -10.16 7.19 -25.82
C VAL B 82 -11.16 8.06 -26.59
N LEU B 83 -10.65 8.97 -27.40
CA LEU B 83 -11.55 9.84 -28.20
C LEU B 83 -10.87 10.24 -29.50
N LEU B 84 -11.69 10.62 -30.45
CA LEU B 84 -11.23 11.03 -31.80
C LEU B 84 -10.73 12.45 -31.71
N ASN B 85 -9.52 12.71 -32.22
CA ASN B 85 -8.96 14.06 -32.28
C ASN B 85 -8.58 14.40 -33.71
N TYR B 86 -8.42 15.70 -33.97
CA TYR B 86 -8.13 16.27 -35.30
C TYR B 86 -6.74 16.90 -35.30
N ARG B 87 -5.96 16.57 -36.31
CA ARG B 87 -4.70 17.26 -36.62
C ARG B 87 -4.99 18.62 -37.26
N LYS B 88 -3.99 19.47 -37.31
CA LYS B 88 -4.11 20.80 -37.96
C LYS B 88 -4.61 20.61 -39.40
N ASP B 89 -4.19 19.57 -40.12
CA ASP B 89 -4.58 19.34 -41.54
C ASP B 89 -5.99 18.73 -41.67
N GLY B 90 -6.70 18.51 -40.55
CA GLY B 90 -8.08 18.00 -40.58
C GLY B 90 -8.16 16.47 -40.62
N SER B 91 -7.05 15.74 -40.74
CA SER B 91 -7.03 14.27 -40.59
C SER B 91 -7.33 13.92 -39.12
N THR B 92 -7.91 12.75 -38.88
CA THR B 92 -8.34 12.35 -37.53
C THR B 92 -7.48 11.18 -37.04
N PHE B 93 -7.41 11.03 -35.75
CA PHE B 93 -6.73 9.88 -35.10
C PHE B 93 -7.43 9.58 -33.78
N TRP B 94 -7.31 8.34 -33.33
CA TRP B 94 -7.81 7.93 -31.99
C TRP B 94 -6.70 8.18 -30.95
N ASN B 95 -7.04 8.90 -29.91
CA ASN B 95 -6.13 9.41 -28.87
C ASN B 95 -6.53 8.71 -27.57
N GLN B 96 -5.67 7.84 -27.05
CA GLN B 96 -5.83 7.33 -25.68
C GLN B 96 -5.12 8.35 -24.78
N LEU B 97 -5.90 9.08 -24.02
CA LEU B 97 -5.47 10.27 -23.27
C LEU B 97 -5.41 9.89 -21.78
N PHE B 98 -4.26 10.09 -21.15
CA PHE B 98 -4.03 9.80 -19.73
C PHE B 98 -3.73 11.15 -19.08
N ILE B 99 -4.56 11.55 -18.12
CA ILE B 99 -4.35 12.85 -17.46
C ILE B 99 -4.18 12.60 -15.96
N ALA B 100 -3.16 13.23 -15.39
CA ALA B 100 -2.94 13.26 -13.94
C ALA B 100 -2.70 14.67 -13.44
N ALA B 101 -3.12 14.92 -12.20
CA ALA B 101 -2.75 16.14 -11.47
C ALA B 101 -1.34 15.96 -10.92
N LEU B 102 -0.49 16.96 -11.09
CA LEU B 102 0.78 17.08 -10.36
C LEU B 102 0.53 17.94 -9.13
N ARG B 103 0.78 17.40 -7.95
CA ARG B 103 0.34 18.04 -6.69
C ARG B 103 1.54 18.40 -5.82
N ASP B 104 1.40 19.43 -5.00
CA ASP B 104 2.43 19.81 -4.01
C ASP B 104 2.21 18.99 -2.73
N GLY B 105 2.99 19.28 -1.67
CA GLY B 105 2.95 18.56 -0.38
C GLY B 105 1.64 18.76 0.38
N GLU B 106 0.85 19.77 0.06
CA GLU B 106 -0.47 20.05 0.70
C GLU B 106 -1.59 19.46 -0.17
N GLY B 107 -1.25 18.83 -1.30
CA GLY B 107 -2.25 18.18 -2.17
C GLY B 107 -2.88 19.13 -3.17
N ASN B 108 -2.42 20.38 -3.26
CA ASN B 108 -2.91 21.36 -4.25
C ASN B 108 -2.41 20.97 -5.65
N VAL B 109 -3.28 21.09 -6.63
CA VAL B 109 -2.89 20.82 -8.03
C VAL B 109 -2.03 22.01 -8.47
N VAL B 110 -0.83 21.77 -8.97
CA VAL B 110 0.03 22.87 -9.49
C VAL B 110 0.05 22.81 -11.01
N ASN B 111 -0.12 21.64 -11.61
CA ASN B 111 -0.18 21.48 -13.07
C ASN B 111 -0.99 20.22 -13.36
N TYR B 112 -1.50 20.11 -14.57
CA TYR B 112 -2.00 18.83 -15.11
C TYR B 112 -1.04 18.34 -16.17
N LEU B 113 -0.86 17.03 -16.20
CA LEU B 113 0.01 16.35 -17.18
C LEU B 113 -0.90 15.47 -17.99
N GLY B 114 -0.81 15.57 -19.29
CA GLY B 114 -1.64 14.78 -20.21
C GLY B 114 -0.74 14.07 -21.19
N VAL B 115 -0.87 12.77 -21.29
CA VAL B 115 -0.08 11.95 -22.24
C VAL B 115 -1.05 11.46 -23.31
N GLN B 116 -0.69 11.63 -24.58
CA GLN B 116 -1.51 11.20 -25.72
C GLN B 116 -0.84 10.01 -26.37
N CYS B 117 -1.56 8.93 -26.54
CA CYS B 117 -1.04 7.74 -27.26
CA CYS B 117 -1.03 7.74 -27.27
C CYS B 117 -1.97 7.47 -28.45
N LYS B 118 -1.43 7.53 -29.66
CA LYS B 118 -2.22 7.23 -30.87
C LYS B 118 -2.52 5.74 -30.87
N VAL B 119 -3.77 5.34 -31.07
CA VAL B 119 -4.16 3.89 -31.08
C VAL B 119 -4.98 3.63 -32.34
N SER B 120 -5.03 2.38 -32.78
CA SER B 120 -5.76 1.95 -33.99
C SER B 120 -7.27 2.00 -33.74
N GLU B 121 -8.05 2.05 -34.83
CA GLU B 121 -9.53 2.08 -34.74
C GLU B 121 -10.00 0.80 -34.06
N ASP B 122 -9.34 -0.33 -34.32
CA ASP B 122 -9.69 -1.63 -33.72
C ASP B 122 -9.50 -1.53 -32.19
N TYR B 123 -8.37 -0.98 -31.76
CA TYR B 123 -8.05 -0.86 -30.32
C TYR B 123 -9.09 0.06 -29.67
N ALA B 124 -9.42 1.17 -30.34
CA ALA B 124 -10.36 2.17 -29.79
C ALA B 124 -11.74 1.53 -29.61
N LYS B 125 -12.23 0.78 -30.61
CA LYS B 125 -13.55 0.09 -30.52
C LYS B 125 -13.58 -0.86 -29.32
N ALA B 126 -12.52 -1.63 -29.12
CA ALA B 126 -12.46 -2.65 -28.05
C ALA B 126 -12.41 -1.93 -26.70
N PHE B 127 -11.62 -0.86 -26.59
CA PHE B 127 -11.53 -0.07 -25.34
C PHE B 127 -12.91 0.51 -24.99
N LEU B 128 -13.62 1.08 -25.98
CA LEU B 128 -14.90 1.80 -25.73
C LEU B 128 -16.01 0.78 -25.39
N LYS B 129 -16.04 -0.36 -26.05
CA LYS B 129 -16.99 -1.45 -25.76
C LYS B 129 -16.81 -1.92 -24.30
N ASN B 130 -15.58 -2.09 -23.86
CA ASN B 130 -15.22 -2.54 -22.49
C ASN B 130 -15.59 -1.46 -21.46
N GLU B 131 -15.37 -0.18 -21.78
CA GLU B 131 -15.70 0.98 -20.90
C GLU B 131 -17.21 0.94 -20.60
N GLU B 132 -18.03 0.56 -21.59
CA GLU B 132 -19.52 0.63 -21.52
C GLU B 132 -20.09 -0.49 -20.64
N ASN B 133 -19.30 -1.50 -20.26
CA ASN B 133 -19.68 -2.56 -19.27
C ASN B 133 -19.26 -2.14 -17.85
N GLU B 134 -18.76 -0.89 -17.66
CA GLU B 134 -18.02 -0.42 -16.45
C GLU B 134 -17.18 -1.57 -15.89
N GLY C 1 -1.49 2.65 1.83
CA GLY C 1 -1.30 1.40 1.12
C GLY C 1 -1.74 0.21 1.96
N ALA C 2 -1.06 -0.90 1.77
CA ALA C 2 -1.45 -2.23 2.27
C ALA C 2 -1.57 -2.21 3.79
N MET C 3 -0.83 -1.36 4.51
CA MET C 3 -0.76 -1.52 5.99
C MET C 3 -1.54 -0.42 6.69
N ASP C 4 -2.25 0.42 5.93
CA ASP C 4 -3.07 1.50 6.52
C ASP C 4 -4.51 1.03 6.71
N TYR C 5 -4.66 0.04 7.59
CA TYR C 5 -5.95 -0.50 8.08
C TYR C 5 -5.85 -0.75 9.58
N SER C 6 -6.95 -0.57 10.29
CA SER C 6 -7.03 -0.82 11.74
C SER C 6 -6.64 -2.26 12.06
N LEU C 7 -7.08 -3.23 11.23
CA LEU C 7 -6.78 -4.65 11.43
C LEU C 7 -5.26 -4.89 11.43
N VAL C 8 -4.58 -4.28 10.45
CA VAL C 8 -3.11 -4.45 10.35
C VAL C 8 -2.42 -3.77 11.54
N LYS C 9 -2.83 -2.57 11.89
CA LYS C 9 -2.20 -1.78 12.98
C LYS C 9 -2.41 -2.50 14.31
N ALA C 10 -3.57 -3.11 14.51
CA ALA C 10 -3.87 -3.89 15.73
C ALA C 10 -2.88 -5.05 15.82
N LEU C 11 -2.70 -5.80 14.74
CA LEU C 11 -1.82 -6.99 14.74
C LEU C 11 -0.35 -6.58 14.85
N GLN C 12 0.06 -5.41 14.36
CA GLN C 12 1.42 -4.83 14.59
C GLN C 12 1.63 -4.53 16.07
N THR C 13 0.70 -3.86 16.75
CA THR C 13 0.83 -3.57 18.19
C THR C 13 0.92 -4.90 18.95
N ALA C 14 0.17 -5.91 18.53
CA ALA C 14 0.07 -7.22 19.21
C ALA C 14 1.30 -8.10 18.92
N GLN C 15 2.15 -7.72 17.95
CA GLN C 15 3.34 -8.51 17.56
C GLN C 15 2.87 -9.90 17.14
N GLN C 16 1.80 -9.95 16.36
CA GLN C 16 1.10 -11.21 16.03
C GLN C 16 1.71 -11.83 14.77
N ASN C 17 1.38 -13.08 14.52
CA ASN C 17 1.74 -13.83 13.30
CA ASN C 17 1.74 -13.86 13.30
C ASN C 17 0.77 -13.48 12.17
N PHE C 18 1.24 -12.77 11.12
CA PHE C 18 0.34 -12.49 9.99
C PHE C 18 1.15 -12.26 8.73
N VAL C 19 0.49 -12.39 7.59
CA VAL C 19 1.04 -12.03 6.26
C VAL C 19 0.02 -11.18 5.51
N ILE C 20 0.50 -10.40 4.55
CA ILE C 20 -0.31 -9.60 3.62
C ILE C 20 0.04 -10.09 2.20
N SER C 21 -0.97 -10.42 1.42
CA SER C 21 -0.82 -10.86 0.01
C SER C 21 -1.39 -9.79 -0.93
N ASP C 22 -1.00 -9.80 -2.21
CA ASP C 22 -1.53 -8.85 -3.20
C ASP C 22 -2.24 -9.62 -4.31
N PRO C 23 -3.58 -9.69 -4.31
CA PRO C 23 -4.29 -10.47 -5.32
C PRO C 23 -4.35 -9.81 -6.69
N SER C 24 -3.91 -8.56 -6.83
CA SER C 24 -3.82 -7.90 -8.16
C SER C 24 -2.61 -8.46 -8.94
N ILE C 25 -1.66 -9.10 -8.27
CA ILE C 25 -0.50 -9.78 -8.93
C ILE C 25 -0.94 -11.23 -9.18
N PRO C 26 -0.65 -11.83 -10.36
CA PRO C 26 -1.01 -13.22 -10.60
C PRO C 26 -0.52 -14.18 -9.50
N ASP C 27 -1.45 -14.99 -8.99
CA ASP C 27 -1.23 -16.02 -7.95
C ASP C 27 -1.03 -15.43 -6.52
N ASN C 28 -1.41 -14.18 -6.29
CA ASN C 28 -1.69 -13.64 -4.94
C ASN C 28 -0.51 -13.85 -4.00
N PRO C 29 0.67 -13.33 -4.36
CA PRO C 29 1.86 -13.56 -3.53
C PRO C 29 1.92 -12.69 -2.26
N ILE C 30 2.71 -13.15 -1.30
CA ILE C 30 3.02 -12.40 -0.05
C ILE C 30 3.87 -11.18 -0.37
N VAL C 31 3.51 -10.03 0.16
CA VAL C 31 4.33 -8.79 0.05
C VAL C 31 4.83 -8.36 1.43
N TYR C 32 4.30 -8.94 2.49
CA TYR C 32 4.75 -8.66 3.87
C TYR C 32 4.49 -9.87 4.76
N ALA C 33 5.46 -10.24 5.60
CA ALA C 33 5.31 -11.32 6.58
C ALA C 33 5.87 -10.85 7.92
N SER C 34 5.11 -11.00 9.00
CA SER C 34 5.57 -10.57 10.32
C SER C 34 6.64 -11.53 10.86
N GLN C 35 7.43 -11.06 11.79
CA GLN C 35 8.43 -11.89 12.51
C GLN C 35 7.75 -13.13 13.12
N GLY C 36 6.54 -13.00 13.66
CA GLY C 36 5.84 -14.16 14.23
C GLY C 36 5.61 -15.27 13.21
N PHE C 37 5.26 -14.91 11.96
CA PHE C 37 5.08 -15.90 10.89
C PHE C 37 6.41 -16.61 10.59
N LEU C 38 7.49 -15.84 10.53
CA LEU C 38 8.84 -16.37 10.23
C LEU C 38 9.25 -17.33 11.34
N THR C 39 9.01 -16.99 12.61
CA THR C 39 9.36 -17.84 13.77
C THR C 39 8.51 -19.13 13.75
N LEU C 40 7.21 -19.03 13.50
CA LEU C 40 6.33 -20.22 13.45
C LEU C 40 6.79 -21.19 12.35
N THR C 41 7.08 -20.69 11.16
CA THR C 41 7.28 -21.56 9.97
C THR C 41 8.74 -21.97 9.80
N GLY C 42 9.69 -21.27 10.45
CA GLY C 42 11.13 -21.53 10.32
C GLY C 42 11.73 -20.90 9.05
N TYR C 43 10.95 -20.17 8.26
CA TYR C 43 11.47 -19.51 7.05
C TYR C 43 12.02 -18.13 7.39
N ALA C 44 13.06 -17.72 6.67
CA ALA C 44 13.57 -16.34 6.62
C ALA C 44 12.65 -15.51 5.71
N LEU C 45 12.61 -14.21 5.93
CA LEU C 45 11.74 -13.31 5.14
C LEU C 45 12.00 -13.51 3.62
N SER C 46 13.26 -13.64 3.24
CA SER C 46 13.68 -13.79 1.83
C SER C 46 13.10 -15.07 1.24
N GLU C 47 12.73 -16.05 2.06
CA GLU C 47 12.24 -17.37 1.62
C GLU C 47 10.73 -17.36 1.43
N VAL C 48 10.04 -16.31 1.88
CA VAL C 48 8.56 -16.24 1.83
C VAL C 48 8.08 -15.16 0.85
N LEU C 49 8.75 -14.02 0.76
CA LEU C 49 8.26 -12.88 -0.04
C LEU C 49 8.10 -13.31 -1.49
N GLY C 50 7.00 -12.90 -2.13
CA GLY C 50 6.81 -13.14 -3.57
C GLY C 50 6.19 -14.50 -3.84
N ARG C 51 5.92 -15.30 -2.79
N ARG C 51 5.91 -15.29 -2.80
CA ARG C 51 5.35 -16.66 -2.92
CA ARG C 51 5.35 -16.66 -2.97
C ARG C 51 3.88 -16.67 -2.49
C ARG C 51 3.90 -16.68 -2.49
N ASN C 52 3.07 -17.51 -3.12
CA ASN C 52 1.73 -17.86 -2.59
C ASN C 52 1.95 -18.65 -1.29
N CYS C 53 1.11 -18.42 -0.29
CA CYS C 53 1.20 -19.06 1.05
CA CYS C 53 1.25 -19.07 1.05
C CYS C 53 1.00 -20.59 1.01
N ARG C 54 0.55 -21.14 -0.13
CA ARG C 54 0.38 -22.60 -0.24
C ARG C 54 1.72 -23.33 -0.10
N PHE C 55 2.89 -22.68 -0.12
CA PHE C 55 4.21 -23.34 0.09
C PHE C 55 4.26 -24.02 1.48
N LEU C 56 3.36 -23.66 2.42
CA LEU C 56 3.30 -24.32 3.76
C LEU C 56 2.54 -25.65 3.70
N GLN C 57 1.95 -26.03 2.57
CA GLN C 57 1.11 -27.23 2.48
C GLN C 57 2.00 -28.40 2.02
N GLY C 58 1.59 -29.61 2.32
CA GLY C 58 2.37 -30.79 1.93
C GLY C 58 1.48 -32.02 1.85
N PRO C 59 2.09 -33.21 1.68
CA PRO C 59 1.36 -34.42 1.34
C PRO C 59 0.21 -34.78 2.28
N GLU C 60 0.34 -34.46 3.56
CA GLU C 60 -0.71 -34.86 4.54
C GLU C 60 -1.70 -33.72 4.75
N THR C 61 -1.50 -32.56 4.14
CA THR C 61 -2.50 -31.46 4.13
C THR C 61 -3.75 -31.98 3.42
N ASP C 62 -4.92 -31.77 4.03
CA ASP C 62 -6.20 -32.24 3.45
C ASP C 62 -6.56 -31.32 2.29
N PRO C 63 -6.66 -31.81 1.03
CA PRO C 63 -7.02 -30.93 -0.09
C PRO C 63 -8.43 -30.30 0.02
N LYS C 64 -9.32 -30.90 0.82
CA LYS C 64 -10.68 -30.35 1.08
C LYS C 64 -10.60 -29.09 1.94
N ALA C 65 -9.68 -29.02 2.89
CA ALA C 65 -9.44 -27.79 3.70
C ALA C 65 -8.90 -26.69 2.77
N VAL C 66 -7.96 -27.04 1.89
CA VAL C 66 -7.38 -26.07 0.92
C VAL C 66 -8.51 -25.54 0.02
N GLU C 67 -9.38 -26.41 -0.45
CA GLU C 67 -10.54 -26.02 -1.30
C GLU C 67 -11.50 -25.07 -0.54
N LYS C 68 -11.74 -25.29 0.75
CA LYS C 68 -12.58 -24.41 1.60
C LYS C 68 -11.96 -23.01 1.59
N VAL C 69 -10.64 -22.91 1.67
CA VAL C 69 -9.99 -21.58 1.64
C VAL C 69 -10.28 -20.95 0.28
N ARG C 70 -10.00 -21.67 -0.80
CA ARG C 70 -10.13 -21.11 -2.17
C ARG C 70 -11.57 -20.60 -2.35
N LYS C 71 -12.56 -21.39 -1.98
CA LYS C 71 -13.98 -21.04 -2.27
C LYS C 71 -14.45 -19.93 -1.34
N GLY C 72 -13.95 -19.90 -0.12
CA GLY C 72 -14.24 -18.81 0.85
C GLY C 72 -13.84 -17.46 0.28
N LEU C 73 -12.63 -17.38 -0.26
CA LEU C 73 -12.12 -16.12 -0.84
C LEU C 73 -12.93 -15.78 -2.10
N GLU C 74 -13.21 -16.77 -2.97
CA GLU C 74 -14.00 -16.58 -4.21
C GLU C 74 -15.38 -16.00 -3.85
N ARG C 75 -15.98 -16.43 -2.74
CA ARG C 75 -17.33 -15.97 -2.29
C ARG C 75 -17.24 -14.63 -1.54
N GLY C 76 -16.05 -14.06 -1.36
CA GLY C 76 -15.85 -12.78 -0.68
C GLY C 76 -16.11 -12.86 0.81
N GLU C 77 -15.82 -13.99 1.47
CA GLU C 77 -16.13 -14.19 2.91
C GLU C 77 -14.81 -14.17 3.69
N ASP C 78 -14.83 -13.55 4.87
CA ASP C 78 -13.79 -13.81 5.90
C ASP C 78 -13.77 -15.32 6.12
N THR C 79 -12.61 -15.95 6.12
CA THR C 79 -12.51 -17.44 6.03
C THR C 79 -11.62 -17.96 7.17
N THR C 80 -12.13 -18.95 7.89
CA THR C 80 -11.44 -19.57 9.06
C THR C 80 -11.37 -21.08 8.82
N VAL C 81 -10.18 -21.64 8.78
CA VAL C 81 -9.98 -23.08 8.52
C VAL C 81 -8.86 -23.56 9.44
N VAL C 82 -8.84 -24.86 9.70
CA VAL C 82 -7.69 -25.49 10.37
C VAL C 82 -7.11 -26.48 9.36
N LEU C 83 -5.81 -26.42 9.15
CA LEU C 83 -5.19 -27.40 8.23
C LEU C 83 -3.75 -27.65 8.63
N LEU C 84 -3.23 -28.79 8.17
CA LEU C 84 -1.85 -29.20 8.50
C LEU C 84 -0.89 -28.42 7.62
N ASN C 85 0.11 -27.81 8.24
CA ASN C 85 1.17 -27.06 7.52
C ASN C 85 2.53 -27.63 7.88
N TYR C 86 3.51 -27.35 7.03
CA TYR C 86 4.90 -27.85 7.12
C TYR C 86 5.83 -26.65 7.37
N ARG C 87 6.70 -26.81 8.35
CA ARG C 87 7.82 -25.87 8.60
C ARG C 87 8.92 -26.10 7.57
N LYS C 88 9.88 -25.19 7.50
CA LYS C 88 11.01 -25.34 6.57
C LYS C 88 11.71 -26.69 6.79
N ASP C 89 11.82 -27.15 8.04
CA ASP C 89 12.55 -28.39 8.39
C ASP C 89 11.67 -29.64 8.14
N GLY C 90 10.47 -29.48 7.59
CA GLY C 90 9.58 -30.61 7.26
C GLY C 90 8.72 -31.06 8.44
N SER C 91 8.89 -30.51 9.64
CA SER C 91 8.02 -30.86 10.80
C SER C 91 6.63 -30.27 10.53
N THR C 92 5.58 -30.88 11.08
CA THR C 92 4.21 -30.43 10.76
C THR C 92 3.58 -29.80 11.99
N PHE C 93 2.62 -28.94 11.75
CA PHE C 93 1.81 -28.34 12.83
C PHE C 93 0.41 -28.07 12.28
N TRP C 94 -0.56 -28.00 13.20
CA TRP C 94 -1.94 -27.57 12.83
C TRP C 94 -2.03 -26.05 12.90
N ASN C 95 -2.52 -25.44 11.83
CA ASN C 95 -2.56 -23.98 11.63
C ASN C 95 -4.03 -23.57 11.58
N GLN C 96 -4.48 -22.80 12.58
CA GLN C 96 -5.78 -22.13 12.43
C GLN C 96 -5.52 -20.81 11.69
N LEU C 97 -6.07 -20.74 10.48
CA LEU C 97 -5.89 -19.63 9.54
C LEU C 97 -7.14 -18.75 9.51
N PHE C 98 -7.01 -17.46 9.75
CA PHE C 98 -8.08 -16.47 9.54
C PHE C 98 -7.67 -15.53 8.40
N ILE C 99 -8.50 -15.44 7.37
CA ILE C 99 -8.17 -14.58 6.20
C ILE C 99 -9.27 -13.56 6.02
N ALA C 100 -8.91 -12.29 5.91
CA ALA C 100 -9.85 -11.22 5.58
C ALA C 100 -9.34 -10.38 4.41
N ALA C 101 -10.29 -9.88 3.62
CA ALA C 101 -10.02 -8.93 2.53
C ALA C 101 -9.80 -7.54 3.11
N LEU C 102 -8.76 -6.86 2.69
CA LEU C 102 -8.56 -5.41 2.93
C LEU C 102 -9.09 -4.70 1.69
N ARG C 103 -10.05 -3.80 1.88
CA ARG C 103 -10.78 -3.18 0.74
C ARG C 103 -10.48 -1.69 0.65
N ASP C 104 -10.58 -1.12 -0.55
CA ASP C 104 -10.45 0.33 -0.76
C ASP C 104 -11.81 0.99 -0.49
N GLY C 105 -11.89 2.31 -0.70
CA GLY C 105 -13.10 3.13 -0.47
C GLY C 105 -14.29 2.75 -1.35
N GLU C 106 -14.05 2.08 -2.48
CA GLU C 106 -15.10 1.61 -3.44
C GLU C 106 -15.48 0.15 -3.14
N GLY C 107 -14.84 -0.48 -2.14
CA GLY C 107 -15.17 -1.84 -1.70
C GLY C 107 -14.43 -2.92 -2.49
N ASN C 108 -13.48 -2.55 -3.35
CA ASN C 108 -12.66 -3.52 -4.12
C ASN C 108 -11.62 -4.15 -3.17
N VAL C 109 -11.34 -5.44 -3.30
CA VAL C 109 -10.24 -6.09 -2.55
C VAL C 109 -8.91 -5.55 -3.09
N VAL C 110 -8.05 -4.99 -2.24
CA VAL C 110 -6.70 -4.55 -2.68
C VAL C 110 -5.65 -5.49 -2.10
N ASN C 111 -5.89 -6.10 -0.94
CA ASN C 111 -4.92 -7.04 -0.31
C ASN C 111 -5.72 -8.06 0.49
N TYR C 112 -5.11 -9.18 0.80
CA TYR C 112 -5.61 -10.12 1.83
C TYR C 112 -4.69 -10.08 3.04
N LEU C 113 -5.27 -10.17 4.22
CA LEU C 113 -4.54 -10.34 5.48
C LEU C 113 -4.84 -11.74 6.01
N GLY C 114 -3.80 -12.48 6.35
CA GLY C 114 -3.92 -13.82 6.93
C GLY C 114 -3.27 -13.85 8.28
N VAL C 115 -3.99 -14.33 9.28
CA VAL C 115 -3.45 -14.56 10.64
C VAL C 115 -3.30 -16.09 10.80
N GLN C 116 -2.16 -16.53 11.31
CA GLN C 116 -1.81 -17.95 11.53
C GLN C 116 -1.66 -18.15 13.04
N CYS C 117 -2.24 -19.22 13.55
CA CYS C 117 -2.10 -19.59 14.97
C CYS C 117 -1.87 -21.11 15.03
N LYS C 118 -0.76 -21.55 15.60
CA LYS C 118 -0.51 -22.98 15.87
C LYS C 118 -1.52 -23.46 16.94
N VAL C 119 -2.19 -24.58 16.70
CA VAL C 119 -3.16 -25.17 17.65
C VAL C 119 -2.80 -26.65 17.83
N SER C 120 -3.23 -27.24 18.93
CA SER C 120 -2.95 -28.65 19.30
C SER C 120 -3.76 -29.59 18.41
N GLU C 121 -3.31 -30.85 18.29
CA GLU C 121 -4.02 -31.85 17.47
C GLU C 121 -5.40 -32.06 18.07
N ASP C 122 -5.55 -31.99 19.39
CA ASP C 122 -6.86 -32.14 20.07
C ASP C 122 -7.78 -31.01 19.60
N TYR C 123 -7.27 -29.77 19.60
CA TYR C 123 -8.07 -28.58 19.20
C TYR C 123 -8.47 -28.75 17.73
N ALA C 124 -7.54 -29.18 16.89
CA ALA C 124 -7.78 -29.34 15.44
C ALA C 124 -8.89 -30.36 15.22
N LYS C 125 -8.84 -31.52 15.88
CA LYS C 125 -9.87 -32.58 15.73
C LYS C 125 -11.25 -32.05 16.13
N ALA C 126 -11.33 -31.29 17.22
CA ALA C 126 -12.62 -30.76 17.73
C ALA C 126 -13.14 -29.70 16.76
N PHE C 127 -12.26 -28.82 16.26
CA PHE C 127 -12.63 -27.78 15.27
C PHE C 127 -13.18 -28.45 14.01
N LEU C 128 -12.51 -29.49 13.50
CA LEU C 128 -12.86 -30.12 12.19
C LEU C 128 -14.17 -30.91 12.35
N LYS C 129 -14.34 -31.61 13.46
CA LYS C 129 -15.58 -32.36 13.76
C LYS C 129 -16.77 -31.41 13.78
N ASN C 130 -16.61 -30.25 14.43
CA ASN C 130 -17.67 -29.21 14.56
C ASN C 130 -17.97 -28.58 13.19
N GLU C 131 -16.95 -28.34 12.36
CA GLU C 131 -17.10 -27.76 10.99
C GLU C 131 -18.01 -28.69 10.17
N GLU C 132 -17.87 -30.01 10.34
CA GLU C 132 -18.53 -31.02 9.46
C GLU C 132 -20.01 -31.21 9.87
N ASN C 133 -20.43 -30.68 11.03
CA ASN C 133 -21.84 -30.72 11.51
C ASN C 133 -22.60 -29.46 11.10
N GLU C 134 -21.88 -28.45 10.60
CA GLU C 134 -22.34 -27.34 9.72
C GLU C 134 -21.95 -26.01 10.36
N GLY D 1 -23.58 -8.43 17.05
CA GLY D 1 -23.28 -7.53 18.16
C GLY D 1 -21.80 -7.21 18.23
N ALA D 2 -21.31 -7.04 19.46
CA ALA D 2 -19.96 -6.53 19.76
C ALA D 2 -18.87 -7.36 19.07
N MET D 3 -19.05 -8.65 18.82
CA MET D 3 -17.90 -9.48 18.37
C MET D 3 -18.01 -9.84 16.91
N ASP D 4 -19.00 -9.28 16.20
CA ASP D 4 -19.18 -9.55 14.76
C ASP D 4 -18.46 -8.50 13.92
N TYR D 5 -17.14 -8.49 14.02
CA TYR D 5 -16.20 -7.64 13.24
C TYR D 5 -14.99 -8.49 12.88
N SER D 6 -14.42 -8.23 11.71
CA SER D 6 -13.20 -8.92 11.24
C SER D 6 -12.06 -8.72 12.24
N LEU D 7 -11.93 -7.51 12.80
CA LEU D 7 -10.86 -7.20 13.77
C LEU D 7 -10.95 -8.13 15.00
N VAL D 8 -12.19 -8.30 15.52
CA VAL D 8 -12.38 -9.16 16.71
C VAL D 8 -12.12 -10.62 16.33
N LYS D 9 -12.62 -11.09 15.20
CA LYS D 9 -12.49 -12.49 14.77
C LYS D 9 -11.01 -12.80 14.53
N ALA D 10 -10.27 -11.85 13.97
CA ALA D 10 -8.81 -12.04 13.73
C ALA D 10 -8.10 -12.22 15.07
N LEU D 11 -8.40 -11.39 16.06
CA LEU D 11 -7.72 -11.46 17.37
C LEU D 11 -8.17 -12.70 18.18
N GLN D 12 -9.38 -13.23 17.95
CA GLN D 12 -9.84 -14.53 18.53
C GLN D 12 -9.02 -15.68 17.91
N THR D 13 -8.86 -15.73 16.59
CA THR D 13 -8.04 -16.80 15.95
C THR D 13 -6.61 -16.70 16.49
N ALA D 14 -6.11 -15.49 16.69
CA ALA D 14 -4.71 -15.23 17.11
C ALA D 14 -4.51 -15.52 18.60
N GLN D 15 -5.59 -15.70 19.37
CA GLN D 15 -5.55 -15.93 20.84
C GLN D 15 -4.80 -14.76 21.47
N GLN D 16 -5.16 -13.55 21.06
CA GLN D 16 -4.42 -12.34 21.42
C GLN D 16 -5.00 -11.72 22.69
N ASN D 17 -4.25 -10.81 23.30
CA ASN D 17 -4.68 -9.99 24.45
CA ASN D 17 -4.69 -9.99 24.48
C ASN D 17 -5.57 -8.83 24.00
N PHE D 18 -6.88 -8.85 24.33
CA PHE D 18 -7.72 -7.69 23.97
C PHE D 18 -8.91 -7.62 24.92
N VAL D 19 -9.52 -6.45 24.96
CA VAL D 19 -10.81 -6.22 25.66
C VAL D 19 -11.74 -5.46 24.72
N ILE D 20 -13.03 -5.58 25.00
CA ILE D 20 -14.12 -4.82 24.34
C ILE D 20 -14.84 -4.03 25.42
N SER D 21 -15.00 -2.72 25.19
CA SER D 21 -15.74 -1.81 26.09
C SER D 21 -17.04 -1.36 25.44
N ASP D 22 -18.00 -0.88 26.23
CA ASP D 22 -19.28 -0.35 25.69
C ASP D 22 -19.44 1.12 26.07
N PRO D 23 -19.16 2.06 25.15
CA PRO D 23 -19.22 3.48 25.49
C PRO D 23 -20.64 4.02 25.59
N SER D 24 -21.67 3.25 25.23
CA SER D 24 -23.07 3.68 25.42
C SER D 24 -23.44 3.59 26.92
N ILE D 25 -22.71 2.81 27.71
CA ILE D 25 -22.90 2.73 29.20
C ILE D 25 -22.01 3.79 29.83
N PRO D 26 -22.48 4.53 30.85
CA PRO D 26 -21.63 5.53 31.52
C PRO D 26 -20.28 4.97 31.96
N ASP D 27 -19.21 5.67 31.58
CA ASP D 27 -17.80 5.36 31.93
C ASP D 27 -17.23 4.15 31.15
N ASN D 28 -17.86 3.73 30.06
CA ASN D 28 -17.21 2.89 29.03
C ASN D 28 -16.60 1.63 29.62
N PRO D 29 -17.41 0.80 30.32
CA PRO D 29 -16.85 -0.38 30.97
C PRO D 29 -16.55 -1.55 30.02
N ILE D 30 -15.68 -2.45 30.49
CA ILE D 30 -15.35 -3.70 29.76
C ILE D 30 -16.55 -4.64 29.79
N VAL D 31 -16.91 -5.22 28.65
CA VAL D 31 -17.96 -6.27 28.57
C VAL D 31 -17.36 -7.60 28.15
N TYR D 32 -16.12 -7.60 27.69
CA TYR D 32 -15.42 -8.84 27.30
C TYR D 32 -13.92 -8.64 27.45
N ALA D 33 -13.22 -9.65 27.99
CA ALA D 33 -11.76 -9.62 28.16
C ALA D 33 -11.22 -10.99 27.76
N SER D 34 -10.24 -11.03 26.89
CA SER D 34 -9.66 -12.31 26.44
C SER D 34 -8.80 -12.92 27.56
N GLN D 35 -8.58 -14.21 27.48
CA GLN D 35 -7.68 -14.95 28.39
C GLN D 35 -6.30 -14.28 28.39
N GLY D 36 -5.80 -13.82 27.24
CA GLY D 36 -4.47 -13.18 27.20
C GLY D 36 -4.41 -11.93 28.08
N PHE D 37 -5.49 -11.12 28.08
CA PHE D 37 -5.55 -9.94 28.97
C PHE D 37 -5.50 -10.35 30.44
N LEU D 38 -6.23 -11.40 30.80
CA LEU D 38 -6.31 -11.90 32.19
C LEU D 38 -4.91 -12.40 32.62
N THR D 39 -4.22 -13.13 31.74
CA THR D 39 -2.87 -13.65 32.02
C THR D 39 -1.87 -12.49 32.19
N LEU D 40 -1.90 -11.50 31.31
CA LEU D 40 -0.98 -10.35 31.39
C LEU D 40 -1.17 -9.60 32.71
N THR D 41 -2.40 -9.32 33.08
CA THR D 41 -2.70 -8.37 34.19
C THR D 41 -2.77 -9.08 35.54
N GLY D 42 -2.95 -10.41 35.56
CA GLY D 42 -3.09 -11.21 36.78
C GLY D 42 -4.52 -11.17 37.35
N TYR D 43 -5.45 -10.50 36.66
CA TYR D 43 -6.86 -10.44 37.13
C TYR D 43 -7.66 -11.61 36.59
N ALA D 44 -8.61 -12.09 37.37
CA ALA D 44 -9.66 -13.04 36.97
C ALA D 44 -10.72 -12.26 36.19
N LEU D 45 -11.45 -12.93 35.33
CA LEU D 45 -12.49 -12.27 34.49
C LEU D 45 -13.46 -11.48 35.39
N SER D 46 -13.85 -12.06 36.51
CA SER D 46 -14.83 -11.44 37.45
C SER D 46 -14.27 -10.13 38.02
N GLU D 47 -12.97 -9.94 37.99
CA GLU D 47 -12.29 -8.76 38.59
C GLU D 47 -12.17 -7.64 37.56
N VAL D 48 -12.45 -7.90 36.28
CA VAL D 48 -12.29 -6.88 35.20
C VAL D 48 -13.65 -6.46 34.64
N LEU D 49 -14.60 -7.36 34.46
CA LEU D 49 -15.88 -7.07 33.78
C LEU D 49 -16.57 -5.93 34.49
N GLY D 50 -17.12 -4.99 33.72
CA GLY D 50 -17.96 -3.91 34.28
C GLY D 50 -17.13 -2.74 34.78
N ARG D 51 -15.80 -2.80 34.62
N ARG D 51 -15.81 -2.78 34.64
CA ARG D 51 -14.87 -1.72 35.05
CA ARG D 51 -14.95 -1.66 35.10
C ARG D 51 -14.32 -0.97 33.82
C ARG D 51 -14.32 -0.98 33.87
N ASN D 52 -14.05 0.31 33.99
CA ASN D 52 -13.21 1.06 33.02
C ASN D 52 -11.79 0.51 33.10
N CYS D 53 -11.09 0.40 31.98
CA CYS D 53 -9.71 -0.16 31.92
CA CYS D 53 -9.70 -0.13 31.90
C CYS D 53 -8.68 0.70 32.66
N ARG D 54 -9.03 1.91 33.08
CA ARG D 54 -8.10 2.73 33.88
C ARG D 54 -7.73 2.06 35.22
N PHE D 55 -8.37 0.98 35.67
CA PHE D 55 -7.99 0.25 36.92
C PHE D 55 -6.55 -0.29 36.80
N LEU D 56 -5.98 -0.39 35.58
CA LEU D 56 -4.58 -0.82 35.40
C LEU D 56 -3.58 0.32 35.64
N GLN D 57 -4.03 1.55 35.88
CA GLN D 57 -3.13 2.71 36.02
C GLN D 57 -2.80 2.88 37.52
N GLY D 58 -1.69 3.52 37.82
CA GLY D 58 -1.30 3.76 39.21
C GLY D 58 -0.37 4.94 39.32
N PRO D 59 0.22 5.16 40.52
CA PRO D 59 0.91 6.40 40.84
C PRO D 59 2.03 6.78 39.87
N GLU D 60 2.72 5.81 39.28
CA GLU D 60 3.85 6.15 38.38
C GLU D 60 3.39 6.19 36.92
N THR D 61 2.12 5.89 36.63
CA THR D 61 1.53 6.08 35.29
C THR D 61 1.57 7.57 34.96
N ASP D 62 2.06 7.92 33.78
CA ASP D 62 2.18 9.34 33.36
C ASP D 62 0.78 9.86 33.01
N PRO D 63 0.24 10.88 33.72
CA PRO D 63 -1.08 11.41 33.38
C PRO D 63 -1.20 12.00 31.96
N LYS D 64 -0.07 12.41 31.36
CA LYS D 64 -0.04 12.93 29.97
C LYS D 64 -0.32 11.83 28.96
N ALA D 65 0.16 10.60 29.21
CA ALA D 65 -0.14 9.44 28.34
C ALA D 65 -1.64 9.12 28.45
N VAL D 66 -2.19 9.16 29.67
CA VAL D 66 -3.63 8.89 29.90
C VAL D 66 -4.45 9.94 29.13
N GLU D 67 -4.06 11.19 29.20
CA GLU D 67 -4.75 12.30 28.47
C GLU D 67 -4.69 12.10 26.94
N LYS D 68 -3.57 11.61 26.41
CA LYS D 68 -3.42 11.28 24.96
C LYS D 68 -4.45 10.24 24.59
N VAL D 69 -4.70 9.25 25.44
CA VAL D 69 -5.73 8.22 25.14
C VAL D 69 -7.09 8.92 25.09
N ARG D 70 -7.41 9.69 26.14
CA ARG D 70 -8.75 10.32 26.23
C ARG D 70 -8.99 11.18 24.99
N LYS D 71 -8.02 11.98 24.59
CA LYS D 71 -8.23 12.96 23.49
C LYS D 71 -8.24 12.25 22.14
N GLY D 72 -7.47 11.18 22.00
CA GLY D 72 -7.49 10.34 20.79
C GLY D 72 -8.87 9.81 20.50
N LEU D 73 -9.53 9.27 21.53
CA LEU D 73 -10.88 8.69 21.38
C LEU D 73 -11.86 9.84 21.11
N GLU D 74 -11.76 10.97 21.82
CA GLU D 74 -12.64 12.16 21.64
C GLU D 74 -12.56 12.62 20.17
N ARG D 75 -11.37 12.58 19.56
CA ARG D 75 -11.14 13.03 18.17
C ARG D 75 -11.52 11.93 17.15
N GLY D 76 -11.98 10.76 17.61
CA GLY D 76 -12.42 9.65 16.75
C GLY D 76 -11.26 9.00 16.01
N GLU D 77 -10.06 8.91 16.62
CA GLU D 77 -8.87 8.38 15.95
C GLU D 77 -8.54 7.01 16.57
N ASP D 78 -8.14 6.04 15.74
CA ASP D 78 -7.40 4.84 16.23
C ASP D 78 -6.21 5.39 17.04
N THR D 79 -5.97 4.89 18.24
CA THR D 79 -5.05 5.54 19.21
C THR D 79 -4.03 4.51 19.71
N THR D 80 -2.75 4.87 19.63
CA THR D 80 -1.62 3.99 20.05
C THR D 80 -0.77 4.75 21.06
N VAL D 81 -0.61 4.22 22.25
CA VAL D 81 0.16 4.87 23.33
C VAL D 81 0.95 3.80 24.05
N VAL D 82 2.03 4.21 24.70
CA VAL D 82 2.75 3.32 25.64
C VAL D 82 2.62 3.96 27.02
N LEU D 83 2.19 3.17 28.00
CA LEU D 83 2.11 3.72 29.37
C LEU D 83 2.33 2.61 30.40
N LEU D 84 2.67 3.03 31.61
CA LEU D 84 2.99 2.08 32.70
C LEU D 84 1.66 1.59 33.28
N ASN D 85 1.53 0.28 33.40
CA ASN D 85 0.33 -0.35 34.00
C ASN D 85 0.77 -1.23 35.17
N TYR D 86 -0.20 -1.52 36.05
CA TYR D 86 -0.03 -2.30 37.27
C TYR D 86 -0.82 -3.61 37.16
N ARG D 87 -0.17 -4.71 37.48
CA ARG D 87 -0.81 -6.03 37.64
C ARG D 87 -1.57 -6.07 38.96
N LYS D 88 -2.40 -7.09 39.13
CA LYS D 88 -3.14 -7.28 40.39
C LYS D 88 -2.17 -7.27 41.59
N ASP D 89 -0.99 -7.86 41.44
CA ASP D 89 0.00 -8.02 42.55
C ASP D 89 0.80 -6.72 42.76
N GLY D 90 0.51 -5.64 42.02
CA GLY D 90 1.19 -4.35 42.16
C GLY D 90 2.48 -4.26 41.36
N SER D 91 2.94 -5.31 40.70
CA SER D 91 4.14 -5.24 39.81
C SER D 91 3.77 -4.40 38.58
N THR D 92 4.74 -3.72 37.98
CA THR D 92 4.44 -2.79 36.88
C THR D 92 5.00 -3.36 35.57
N PHE D 93 4.40 -2.93 34.48
CA PHE D 93 4.90 -3.29 33.13
C PHE D 93 4.55 -2.14 32.19
N TRP D 94 5.30 -2.05 31.08
CA TRP D 94 4.98 -1.09 30.00
C TRP D 94 4.01 -1.75 29.03
N ASN D 95 2.90 -1.07 28.75
CA ASN D 95 1.78 -1.57 27.94
C ASN D 95 1.69 -0.73 26.68
N GLN D 96 1.94 -1.33 25.52
CA GLN D 96 1.59 -0.67 24.25
C GLN D 96 0.13 -0.98 23.98
N LEU D 97 -0.70 0.05 24.02
N LEU D 97 -0.71 0.06 24.07
CA LEU D 97 -2.16 -0.04 23.86
CA LEU D 97 -2.17 0.05 23.81
C LEU D 97 -2.58 0.46 22.48
C LEU D 97 -2.46 0.43 22.37
N PHE D 98 -3.29 -0.35 21.69
CA PHE D 98 -3.94 0.08 20.45
C PHE D 98 -5.45 0.03 20.62
N ILE D 99 -6.13 1.14 20.40
CA ILE D 99 -7.59 1.22 20.58
C ILE D 99 -8.23 1.62 19.26
N ALA D 100 -9.22 0.86 18.82
CA ALA D 100 -10.04 1.22 17.66
C ALA D 100 -11.54 1.18 18.01
N ALA D 101 -12.28 2.09 17.36
CA ALA D 101 -13.75 2.12 17.40
C ALA D 101 -14.31 1.01 16.53
N LEU D 102 -15.26 0.24 17.05
CA LEU D 102 -16.11 -0.66 16.25
C LEU D 102 -17.39 0.11 15.94
N ARG D 103 -17.73 0.24 14.67
CA ARG D 103 -18.84 1.12 14.24
C ARG D 103 -19.99 0.30 13.63
N ASP D 104 -21.20 0.84 13.69
CA ASP D 104 -22.39 0.22 13.04
C ASP D 104 -22.44 0.67 11.57
N GLY D 105 -23.49 0.29 10.85
CA GLY D 105 -23.69 0.59 9.41
C GLY D 105 -23.81 2.09 9.12
N GLU D 106 -24.16 2.91 10.11
CA GLU D 106 -24.31 4.38 9.98
C GLU D 106 -23.03 5.08 10.43
N GLY D 107 -22.01 4.34 10.87
CA GLY D 107 -20.72 4.90 11.28
C GLY D 107 -20.68 5.36 12.73
N ASN D 108 -21.70 5.05 13.53
CA ASN D 108 -21.72 5.38 14.98
C ASN D 108 -20.81 4.40 15.73
N VAL D 109 -20.08 4.86 16.72
CA VAL D 109 -19.25 3.96 17.58
C VAL D 109 -20.22 3.14 18.44
N VAL D 110 -20.14 1.82 18.42
CA VAL D 110 -20.99 0.96 19.30
C VAL D 110 -20.10 0.32 20.35
N ASN D 111 -18.82 0.08 20.09
CA ASN D 111 -17.89 -0.54 21.06
C ASN D 111 -16.49 0.01 20.78
N TYR D 112 -15.60 -0.09 21.74
CA TYR D 112 -14.15 0.06 21.53
C TYR D 112 -13.48 -1.29 21.70
N LEU D 113 -12.47 -1.53 20.88
CA LEU D 113 -11.59 -2.70 21.01
C LEU D 113 -10.21 -2.18 21.39
N GLY D 114 -9.62 -2.77 22.42
CA GLY D 114 -8.27 -2.43 22.89
C GLY D 114 -7.40 -3.66 22.83
N VAL D 115 -6.25 -3.53 22.19
CA VAL D 115 -5.20 -4.58 22.19
C VAL D 115 -4.08 -4.10 23.12
N GLN D 116 -3.60 -4.96 24.00
CA GLN D 116 -2.53 -4.68 24.99
C GLN D 116 -1.36 -5.58 24.63
N CYS D 117 -0.16 -5.02 24.65
CA CYS D 117 1.08 -5.78 24.43
C CYS D 117 2.11 -5.31 25.47
N LYS D 118 2.65 -6.19 26.28
CA LYS D 118 3.78 -5.87 27.18
C LYS D 118 5.02 -5.58 26.33
N VAL D 119 5.71 -4.49 26.59
CA VAL D 119 6.96 -4.12 25.87
C VAL D 119 8.05 -3.81 26.91
N SER D 120 9.31 -3.90 26.52
CA SER D 120 10.48 -3.67 27.39
C SER D 120 10.63 -2.18 27.71
N GLU D 121 11.34 -1.86 28.80
CA GLU D 121 11.55 -0.45 29.19
C GLU D 121 12.35 0.24 28.07
N ASP D 122 13.26 -0.47 27.41
CA ASP D 122 14.06 0.08 26.29
C ASP D 122 13.10 0.47 25.15
N TYR D 123 12.18 -0.42 24.81
CA TYR D 123 11.20 -0.17 23.71
C TYR D 123 10.34 1.02 24.10
N ALA D 124 9.88 1.08 25.35
CA ALA D 124 8.99 2.16 25.83
C ALA D 124 9.72 3.51 25.71
N LYS D 125 10.97 3.59 26.14
CA LYS D 125 11.76 4.85 26.09
C LYS D 125 11.90 5.32 24.63
N ALA D 126 12.17 4.41 23.70
CA ALA D 126 12.37 4.73 22.28
C ALA D 126 11.04 5.18 21.68
N PHE D 127 9.95 4.51 21.99
CA PHE D 127 8.61 4.86 21.51
C PHE D 127 8.25 6.27 21.99
N LEU D 128 8.48 6.57 23.27
CA LEU D 128 8.06 7.86 23.91
C LEU D 128 8.93 9.00 23.36
N LYS D 129 10.23 8.77 23.19
CA LYS D 129 11.17 9.75 22.61
C LYS D 129 10.72 10.12 21.19
N ASN D 130 10.34 9.14 20.39
CA ASN D 130 9.88 9.31 18.99
C ASN D 130 8.54 10.07 18.97
N GLU D 131 7.62 9.77 19.89
CA GLU D 131 6.30 10.46 20.00
C GLU D 131 6.55 11.96 20.20
N GLU D 132 7.57 12.33 20.98
CA GLU D 132 7.85 13.73 21.41
C GLU D 132 8.44 14.57 20.27
N ASN D 133 8.91 13.94 19.18
CA ASN D 133 9.55 14.60 18.01
C ASN D 133 8.52 14.80 16.90
N GLU D 134 7.33 14.23 17.06
CA GLU D 134 6.34 14.01 15.96
C GLU D 134 5.54 15.31 15.75
N1 FMN E . 17.77 2.35 -6.27
C2 FMN E . 18.54 1.83 -7.23
O2 FMN E . 19.77 1.68 -7.00
N3 FMN E . 18.02 1.43 -8.40
C4 FMN E . 16.71 1.56 -8.73
O4 FMN E . 16.25 1.18 -9.81
C4A FMN E . 15.80 2.13 -7.73
N5 FMN E . 14.46 2.29 -7.94
C5A FMN E . 13.70 2.86 -6.97
C6 FMN E . 12.34 3.03 -7.16
C7 FMN E . 11.53 3.58 -6.18
C7M FMN E . 10.04 3.76 -6.47
C8 FMN E . 12.15 4.03 -4.94
C8M FMN E . 11.32 4.63 -3.84
C9 FMN E . 13.51 3.84 -4.71
C9A FMN E . 14.31 3.29 -5.69
N10 FMN E . 15.69 3.10 -5.47
C10 FMN E . 16.46 2.53 -6.48
C1' FMN E . 16.38 3.56 -4.28
C2' FMN E . 16.38 2.68 -3.03
O2' FMN E . 15.13 2.07 -2.88
C3' FMN E . 16.66 3.50 -1.78
O3' FMN E . 15.64 4.50 -1.62
C4' FMN E . 18.05 4.17 -1.87
O4' FMN E . 19.02 3.14 -1.92
C5' FMN E . 18.35 5.11 -0.69
O5' FMN E . 17.95 4.52 0.56
P FMN E . 19.05 3.73 1.50
O1P FMN E . 19.70 2.64 0.62
O2P FMN E . 20.01 4.83 1.93
O3P FMN E . 18.19 3.21 2.63
N1 FMN F . -8.60 16.86 -24.89
C2 FMN F . -8.43 16.29 -26.10
O2 FMN F . -9.44 16.16 -26.84
N3 FMN F . -7.23 15.87 -26.53
C4 FMN F . -6.10 15.97 -25.80
O4 FMN F . -4.98 15.57 -26.21
C4A FMN F . -6.20 16.58 -24.46
N5 FMN F . -5.12 16.74 -23.65
C5A FMN F . -5.29 17.28 -22.41
C6 FMN F . -4.19 17.45 -21.58
C7 FMN F . -4.31 18.03 -20.31
C7M FMN F . -3.10 18.19 -19.41
C8 FMN F . -5.64 18.45 -19.89
C8M FMN F . -5.81 19.08 -18.54
C9 FMN F . -6.75 18.31 -20.71
C9A FMN F . -6.62 17.73 -21.97
N10 FMN F . -7.73 17.59 -22.83
C10 FMN F . -7.55 17.01 -24.08
C1' FMN F . -9.10 17.92 -22.46
C2' FMN F . -9.58 19.35 -22.65
O2' FMN F . -8.56 20.24 -22.28
C3' FMN F . -10.78 19.63 -21.76
O3' FMN F . -10.38 19.42 -20.39
C4' FMN F . -11.96 18.72 -22.14
O4' FMN F . -12.39 19.02 -23.45
C5' FMN F . -13.18 18.85 -21.21
O5' FMN F . -13.46 20.21 -20.86
P FMN F . -14.56 21.09 -21.69
O1P FMN F . -14.12 20.97 -23.17
O2P FMN F . -15.89 20.41 -21.41
O3P FMN F . -14.43 22.45 -21.04
N1 FMN G . -2.46 -21.56 3.28
C2 FMN G . -1.79 -22.28 4.21
O2 FMN G . -1.75 -23.51 4.05
N3 FMN G . -1.20 -21.77 5.31
C4 FMN G . -1.24 -20.45 5.55
O4 FMN G . -0.68 -19.93 6.53
C4A FMN G . -1.90 -19.57 4.57
N5 FMN G . -1.96 -18.22 4.73
C5A FMN G . -2.61 -17.44 3.84
C6 FMN G . -2.66 -16.05 4.02
C7 FMN G . -3.32 -15.25 3.08
C7M FMN G . -3.40 -13.75 3.23
C8 FMN G . -3.96 -15.86 1.91
C8M FMN G . -4.69 -14.98 0.92
C9 FMN G . -3.93 -17.22 1.73
C9A FMN G . -3.26 -18.04 2.64
N10 FMN G . -3.21 -19.44 2.47
C10 FMN G . -2.53 -20.22 3.40
C1' FMN G . -3.90 -20.18 1.42
C2' FMN G . -3.21 -20.35 0.11
O2' FMN G . -2.49 -19.17 -0.18
C3' FMN G . -4.28 -20.60 -0.95
O3' FMN G . -5.24 -19.50 -1.00
C4' FMN G . -4.98 -21.93 -0.73
O4' FMN G . -4.01 -22.99 -0.89
C5' FMN G . -6.12 -22.15 -1.71
O5' FMN G . -5.68 -21.88 -3.06
P FMN G . -5.13 -23.02 -4.12
O1P FMN G . -3.89 -23.67 -3.46
O2P FMN G . -4.81 -22.16 -5.33
O3P FMN G . -6.26 -24.00 -4.38
N1 FMN H . -5.83 2.14 29.87
C2 FMN H . -4.77 1.50 30.42
O2 FMN H . -4.06 2.13 31.22
N3 FMN H . -4.44 0.23 30.10
C4 FMN H . -5.18 -0.49 29.24
O4 FMN H . -4.89 -1.67 28.96
C4A FMN H . -6.35 0.13 28.60
N5 FMN H . -7.13 -0.53 27.70
C5A FMN H . -8.21 0.10 27.15
C6 FMN H . -9.02 -0.59 26.24
C7 FMN H . -10.13 0.05 25.65
C7M FMN H . -11.02 -0.67 24.67
C8 FMN H . -10.44 1.43 26.01
C8M FMN H . -11.61 2.13 25.38
C9 FMN H . -9.63 2.12 26.92
C9A FMN H . -8.53 1.48 27.51
N10 FMN H . -7.70 2.18 28.43
C10 FMN H . -6.62 1.52 29.00
C1' FMN H . -7.85 3.59 28.79
C2' FMN H . -8.77 3.97 29.89
O2' FMN H . -9.91 3.15 29.83
C3' FMN H . -9.18 5.41 29.65
O3' FMN H . -9.79 5.59 28.33
C4' FMN H . -8.01 6.36 29.85
O4' FMN H . -7.58 6.27 31.23
C5' FMN H . -8.41 7.81 29.54
O5' FMN H . -9.63 8.14 30.23
P FMN H . -9.67 8.88 31.70
O1P FMN H . -11.17 9.00 31.90
O2P FMN H . -8.97 10.23 31.56
O3P FMN H . -8.92 7.94 32.67
#